data_5KZY
#
_entry.id   5KZY
#
_cell.length_a   43.725
_cell.length_b   54.592
_cell.length_c   51.863
_cell.angle_alpha   90.000
_cell.angle_beta   96.440
_cell.angle_gamma   90.000
#
_symmetry.space_group_name_H-M   'P 1 21 1'
#
loop_
_entity.id
_entity.type
_entity.pdbx_description
1 polymer Smoothened
2 non-polymer Cyclopamine
3 water water
#
_entity_poly.entity_id   1
_entity_poly.type   'polypeptide(L)'
_entity_poly.pdbx_seq_one_letter_code
;GDKCKKTTTCEPLKYNICLGSVLPYALTSTVLAEDSSSQDEVHDKLSLWSGLRNAPRCWDAIRPLLCAVYMPKCEGGKVE
LPSQGLCQTTRVPCAIVARERGWPDFLKCTTDYFPEGCPNE
;
_entity_poly.pdbx_strand_id   A,B
#
loop_
_chem_comp.id
_chem_comp.type
_chem_comp.name
_chem_comp.formula
CY8 non-polymer Cyclopamine 'C27 H41 N O2'
#
# COMPACT_ATOMS: atom_id res chain seq x y z
N LYS A 3 3.27 -8.99 -24.31
CA LYS A 3 3.73 -9.67 -23.10
C LYS A 3 3.31 -8.88 -21.85
N CYS A 4 4.17 -8.89 -20.84
CA CYS A 4 3.97 -8.10 -19.64
C CYS A 4 4.77 -6.81 -19.74
N LYS A 5 5.31 -6.55 -20.93
CA LYS A 5 6.07 -5.34 -21.19
C LYS A 5 5.64 -4.70 -22.51
N LYS A 6 5.85 -3.40 -22.61
CA LYS A 6 5.46 -2.63 -23.78
C LYS A 6 6.59 -1.69 -24.20
N THR A 7 6.99 -1.76 -25.46
CA THR A 7 8.00 -0.86 -26.00
C THR A 7 7.57 0.60 -25.81
N THR A 8 8.48 1.41 -25.31
CA THR A 8 8.16 2.80 -24.99
C THR A 8 9.42 3.66 -24.87
N THR A 9 9.22 4.91 -24.48
CA THR A 9 10.33 5.81 -24.20
C THR A 9 10.49 6.02 -22.71
N CYS A 10 11.67 5.70 -22.18
CA CYS A 10 11.96 5.89 -20.77
C CYS A 10 12.36 7.33 -20.48
N GLU A 11 11.72 7.93 -19.48
CA GLU A 11 12.13 9.24 -18.99
C GLU A 11 12.31 9.18 -17.48
N PRO A 12 13.26 9.97 -16.95
CA PRO A 12 13.51 10.02 -15.51
C PRO A 12 12.29 10.55 -14.76
N LEU A 13 11.90 9.85 -13.69
CA LEU A 13 10.79 10.26 -12.84
C LEU A 13 10.91 11.73 -12.43
N LYS A 14 9.86 12.49 -12.65
CA LYS A 14 9.85 13.88 -12.23
C LYS A 14 9.72 13.95 -10.71
N TYR A 15 8.94 13.02 -10.16
CA TYR A 15 8.82 12.86 -8.72
C TYR A 15 9.19 11.43 -8.32
N ASN A 16 9.86 11.31 -7.18
CA ASN A 16 10.20 10.00 -6.64
C ASN A 16 9.04 9.43 -5.83
N ILE A 17 7.97 10.21 -5.73
CA ILE A 17 6.85 9.86 -4.86
C ILE A 17 5.54 9.69 -5.64
N CYS A 18 4.81 8.63 -5.34
CA CYS A 18 3.53 8.37 -5.99
C CYS A 18 2.41 8.21 -4.97
N LEU A 19 1.72 9.31 -4.70
CA LEU A 19 0.60 9.33 -3.75
C LEU A 19 0.96 8.76 -2.39
N GLY A 20 2.14 9.12 -1.89
CA GLY A 20 2.56 8.73 -0.55
C GLY A 20 3.59 7.63 -0.49
N SER A 21 3.83 6.97 -1.61
CA SER A 21 4.77 5.85 -1.64
C SER A 21 6.05 6.18 -2.40
N VAL A 22 7.19 5.84 -1.81
CA VAL A 22 8.47 5.99 -2.49
C VAL A 22 8.66 4.86 -3.50
N LEU A 23 9.09 5.21 -4.72
CA LEU A 23 9.27 4.22 -5.76
C LEU A 23 10.74 3.81 -5.87
N PRO A 24 11.00 2.50 -5.82
CA PRO A 24 12.37 1.96 -5.83
C PRO A 24 13.01 1.93 -7.22
N TYR A 25 12.57 2.81 -8.12
CA TYR A 25 13.18 2.93 -9.45
C TYR A 25 13.26 4.39 -9.87
N ALA A 26 13.96 4.65 -10.98
CA ALA A 26 14.27 6.01 -11.38
C ALA A 26 13.67 6.42 -12.73
N LEU A 27 13.41 5.44 -13.59
CA LEU A 27 12.86 5.74 -14.91
C LEU A 27 11.39 5.33 -15.02
N THR A 28 10.62 6.10 -15.77
CA THR A 28 9.20 5.82 -15.96
C THR A 28 8.73 6.20 -17.37
N SER A 29 7.48 5.90 -17.66
CA SER A 29 6.86 6.27 -18.94
C SER A 29 5.38 6.57 -18.74
N THR A 30 4.80 7.33 -19.66
CA THR A 30 3.41 7.75 -19.55
C THR A 30 2.50 7.01 -20.50
N VAL A 31 3.01 5.96 -21.14
CA VAL A 31 2.29 5.29 -22.21
C VAL A 31 1.10 4.47 -21.71
N LEU A 32 1.14 4.04 -20.45
CA LEU A 32 0.05 3.25 -19.89
C LEU A 32 -1.15 4.12 -19.52
N ALA A 33 -0.87 5.35 -19.11
CA ALA A 33 -1.93 6.30 -18.74
C ALA A 33 -2.39 7.07 -19.97
N GLU A 34 -3.39 6.52 -20.66
CA GLU A 34 -3.83 7.06 -21.94
C GLU A 34 -4.59 8.39 -21.81
N ASP A 35 -4.59 8.96 -20.62
CA ASP A 35 -5.20 10.27 -20.38
C ASP A 35 -4.13 11.33 -20.18
N SER A 36 -2.87 10.91 -20.24
CA SER A 36 -1.75 11.80 -19.97
C SER A 36 -0.63 11.65 -21.00
N SER A 37 -0.14 12.78 -21.51
CA SER A 37 0.92 12.77 -22.51
C SER A 37 2.24 13.26 -21.94
N SER A 38 2.26 13.54 -20.64
CA SER A 38 3.48 13.96 -19.96
C SER A 38 3.33 13.74 -18.45
N GLN A 39 4.44 13.85 -17.72
CA GLN A 39 4.42 13.62 -16.28
C GLN A 39 3.77 14.78 -15.54
N ASP A 40 3.67 15.93 -16.21
CA ASP A 40 2.95 17.07 -15.66
C ASP A 40 1.46 16.76 -15.59
N GLU A 41 0.93 16.19 -16.67
CA GLU A 41 -0.48 15.81 -16.71
C GLU A 41 -0.75 14.61 -15.81
N VAL A 42 0.24 13.73 -15.71
CA VAL A 42 0.15 12.59 -14.81
C VAL A 42 -0.06 13.08 -13.38
N HIS A 43 0.76 14.05 -12.97
CA HIS A 43 0.65 14.63 -11.63
C HIS A 43 -0.69 15.33 -11.46
N ASP A 44 -1.19 15.94 -12.54
CA ASP A 44 -2.50 16.59 -12.53
C ASP A 44 -3.61 15.58 -12.25
N LYS A 45 -3.65 14.53 -13.06
CA LYS A 45 -4.71 13.55 -12.99
C LYS A 45 -4.67 12.75 -11.69
N LEU A 46 -3.47 12.62 -11.12
CA LEU A 46 -3.33 11.98 -9.82
C LEU A 46 -3.89 12.86 -8.71
N SER A 47 -3.80 14.18 -8.90
CA SER A 47 -4.38 15.13 -7.96
C SER A 47 -5.89 14.96 -7.93
N LEU A 48 -6.47 14.74 -9.10
CA LEU A 48 -7.90 14.52 -9.23
C LEU A 48 -8.30 13.19 -8.61
N TRP A 49 -7.44 12.19 -8.75
CA TRP A 49 -7.66 10.88 -8.15
C TRP A 49 -7.64 10.99 -6.63
N SER A 50 -6.93 11.99 -6.11
CA SER A 50 -6.86 12.21 -4.66
C SER A 50 -8.19 12.65 -4.08
N GLY A 51 -9.19 12.84 -4.93
CA GLY A 51 -10.52 13.16 -4.46
C GLY A 51 -11.22 11.93 -3.91
N LEU A 52 -10.52 10.79 -3.97
CA LEU A 52 -11.05 9.52 -3.53
C LEU A 52 -10.68 9.18 -2.08
N ARG A 53 -9.77 9.97 -1.49
CA ARG A 53 -9.26 9.64 -0.17
C ARG A 53 -10.24 10.02 0.95
N ASN A 54 -11.46 10.38 0.58
CA ASN A 54 -12.53 10.51 1.55
C ASN A 54 -13.21 9.16 1.76
N ALA A 55 -12.79 8.19 0.96
CA ALA A 55 -13.24 6.81 1.11
C ALA A 55 -12.05 5.88 1.21
N PRO A 56 -11.48 5.76 2.43
CA PRO A 56 -10.28 4.95 2.70
C PRO A 56 -10.44 3.51 2.24
N ARG A 57 -11.68 3.06 2.12
CA ARG A 57 -12.00 1.76 1.55
C ARG A 57 -11.40 1.63 0.15
N CYS A 58 -11.82 2.49 -0.75
CA CYS A 58 -11.34 2.48 -2.13
C CYS A 58 -9.91 3.01 -2.25
N TRP A 59 -9.59 4.02 -1.46
CA TRP A 59 -8.30 4.69 -1.56
C TRP A 59 -7.13 3.74 -1.24
N ASP A 60 -7.35 2.82 -0.32
CA ASP A 60 -6.32 1.86 0.05
C ASP A 60 -6.15 0.78 -1.01
N ALA A 61 -7.17 0.62 -1.86
CA ALA A 61 -7.14 -0.39 -2.90
C ALA A 61 -6.62 0.17 -4.23
N ILE A 62 -7.06 1.37 -4.57
CA ILE A 62 -6.81 1.91 -5.90
C ILE A 62 -5.40 2.48 -6.07
N ARG A 63 -4.74 2.79 -4.97
CA ARG A 63 -3.43 3.45 -5.02
C ARG A 63 -2.30 2.60 -5.64
N PRO A 64 -2.22 1.30 -5.33
CA PRO A 64 -1.22 0.52 -6.06
C PRO A 64 -1.54 0.45 -7.56
N LEU A 65 -2.83 0.43 -7.89
CA LEU A 65 -3.25 0.41 -9.30
C LEU A 65 -2.86 1.70 -10.00
N LEU A 66 -3.15 2.83 -9.37
CA LEU A 66 -2.85 4.13 -9.95
C LEU A 66 -1.35 4.30 -10.17
N CYS A 67 -0.55 3.88 -9.21
CA CYS A 67 0.90 3.96 -9.31
C CYS A 67 1.42 3.05 -10.42
N ALA A 68 0.84 1.87 -10.54
CA ALA A 68 1.27 0.90 -11.55
C ALA A 68 0.94 1.38 -12.95
N VAL A 69 -0.13 2.17 -13.08
CA VAL A 69 -0.55 2.67 -14.39
C VAL A 69 0.05 4.03 -14.71
N TYR A 70 -0.10 4.97 -13.80
CA TYR A 70 0.31 6.35 -14.06
C TYR A 70 1.82 6.56 -13.95
N MET A 71 2.47 5.84 -13.04
CA MET A 71 3.91 5.97 -12.86
C MET A 71 4.62 4.62 -12.85
N PRO A 72 4.58 3.89 -13.96
CA PRO A 72 5.15 2.54 -14.03
C PRO A 72 6.66 2.56 -14.18
N LYS A 73 7.31 1.48 -13.75
CA LYS A 73 8.76 1.38 -13.92
C LYS A 73 9.12 1.15 -15.37
N CYS A 74 10.00 2.00 -15.90
CA CYS A 74 10.50 1.84 -17.25
C CYS A 74 11.98 1.49 -17.21
N GLU A 75 12.42 0.66 -18.15
CA GLU A 75 13.82 0.26 -18.20
C GLU A 75 14.17 -0.38 -19.54
N GLY A 76 15.06 0.28 -20.28
CA GLY A 76 15.52 -0.24 -21.54
C GLY A 76 14.48 -0.19 -22.65
N GLY A 77 13.62 0.84 -22.60
CA GLY A 77 12.62 1.04 -23.64
C GLY A 77 11.33 0.28 -23.40
N LYS A 78 11.24 -0.45 -22.30
CA LYS A 78 10.04 -1.21 -21.97
C LYS A 78 9.46 -0.77 -20.63
N VAL A 79 8.16 -0.98 -20.45
CA VAL A 79 7.51 -0.71 -19.16
C VAL A 79 6.88 -1.96 -18.58
N GLU A 80 6.87 -2.06 -17.26
CA GLU A 80 6.17 -3.15 -16.59
C GLU A 80 4.67 -2.92 -16.69
N LEU A 81 3.95 -3.93 -17.17
CA LEU A 81 2.50 -3.85 -17.27
C LEU A 81 1.88 -4.29 -15.95
N PRO A 82 0.78 -3.65 -15.55
CA PRO A 82 0.08 -4.03 -14.32
C PRO A 82 -0.61 -5.39 -14.51
N SER A 83 -0.66 -6.19 -13.45
CA SER A 83 -1.24 -7.52 -13.55
C SER A 83 -2.75 -7.51 -13.44
N GLN A 84 -3.37 -8.62 -13.84
CA GLN A 84 -4.81 -8.79 -13.70
C GLN A 84 -5.19 -8.84 -12.21
N GLY A 85 -4.34 -9.49 -11.42
CA GLY A 85 -4.55 -9.63 -10.00
C GLY A 85 -4.71 -8.29 -9.29
N LEU A 86 -3.82 -7.35 -9.61
CA LEU A 86 -3.86 -6.01 -9.05
C LEU A 86 -5.12 -5.26 -9.49
N CYS A 87 -5.44 -5.38 -10.77
CA CYS A 87 -6.60 -4.70 -11.33
C CYS A 87 -7.91 -5.18 -10.71
N GLN A 88 -7.99 -6.49 -10.46
CA GLN A 88 -9.23 -7.09 -9.96
C GLN A 88 -9.55 -6.73 -8.51
N THR A 89 -8.53 -6.38 -7.74
CA THR A 89 -8.73 -6.14 -6.31
C THR A 89 -9.40 -4.81 -6.02
N THR A 90 -9.54 -3.98 -7.04
CA THR A 90 -10.10 -2.65 -6.88
C THR A 90 -11.55 -2.57 -7.30
N ARG A 91 -12.01 -3.58 -8.04
CA ARG A 91 -13.35 -3.58 -8.62
C ARG A 91 -14.44 -3.39 -7.56
N VAL A 92 -14.40 -4.18 -6.49
CA VAL A 92 -15.43 -4.10 -5.46
C VAL A 92 -15.27 -2.90 -4.51
N PRO A 93 -14.07 -2.68 -3.93
CA PRO A 93 -14.02 -1.57 -2.98
C PRO A 93 -14.04 -0.19 -3.64
N CYS A 94 -13.85 -0.11 -4.96
CA CYS A 94 -13.88 1.17 -5.66
C CYS A 94 -15.04 1.26 -6.63
N ALA A 95 -16.14 0.59 -6.30
CA ALA A 95 -17.33 0.61 -7.16
C ALA A 95 -17.91 2.02 -7.28
N ILE A 96 -17.55 2.89 -6.33
CA ILE A 96 -18.01 4.28 -6.35
C ILE A 96 -17.47 5.01 -7.59
N VAL A 97 -16.32 4.57 -8.07
CA VAL A 97 -15.74 5.12 -9.29
C VAL A 97 -16.57 4.72 -10.51
N ALA A 98 -17.07 3.49 -10.50
CA ALA A 98 -17.83 2.95 -11.62
C ALA A 98 -19.23 3.56 -11.70
N ARG A 99 -19.84 3.83 -10.56
CA ARG A 99 -21.23 4.28 -10.52
C ARG A 99 -21.39 5.79 -10.71
N GLU A 100 -20.31 6.54 -10.48
CA GLU A 100 -20.42 8.00 -10.48
C GLU A 100 -19.82 8.67 -11.73
N ARG A 101 -19.03 7.93 -12.49
CA ARG A 101 -18.43 8.48 -13.70
C ARG A 101 -17.92 7.38 -14.62
N GLY A 102 -17.44 6.28 -14.04
CA GLY A 102 -17.01 5.13 -14.80
C GLY A 102 -15.50 5.08 -15.03
N TRP A 103 -14.95 3.87 -14.98
CA TRP A 103 -13.54 3.67 -15.23
C TRP A 103 -13.15 4.08 -16.65
N PRO A 104 -12.02 4.78 -16.80
CA PRO A 104 -11.46 4.96 -18.14
C PRO A 104 -11.08 3.61 -18.72
N ASP A 105 -11.03 3.49 -20.04
CA ASP A 105 -10.80 2.21 -20.69
C ASP A 105 -9.49 1.54 -20.27
N PHE A 106 -8.47 2.35 -19.98
CA PHE A 106 -7.16 1.80 -19.62
C PHE A 106 -7.08 1.43 -18.14
N LEU A 107 -8.20 1.57 -17.43
CA LEU A 107 -8.27 1.15 -16.05
C LEU A 107 -9.36 0.10 -15.85
N LYS A 108 -9.85 -0.44 -16.97
CA LYS A 108 -10.78 -1.56 -16.95
C LYS A 108 -10.00 -2.86 -17.10
N CYS A 109 -10.45 -3.91 -16.44
CA CYS A 109 -9.67 -5.13 -16.29
C CYS A 109 -9.72 -6.07 -17.50
N THR A 110 -9.39 -5.54 -18.67
CA THR A 110 -9.22 -6.38 -19.85
C THR A 110 -7.75 -6.82 -19.93
N THR A 111 -7.51 -7.99 -20.50
CA THR A 111 -6.17 -8.58 -20.48
C THR A 111 -5.17 -7.85 -21.39
N ASP A 112 -5.66 -6.91 -22.19
CA ASP A 112 -4.77 -6.12 -23.03
C ASP A 112 -4.04 -5.07 -22.20
N TYR A 113 -4.75 -4.49 -21.23
CA TYR A 113 -4.15 -3.49 -20.35
C TYR A 113 -3.57 -4.15 -19.09
N PHE A 114 -4.19 -5.23 -18.64
CA PHE A 114 -3.77 -5.90 -17.42
C PHE A 114 -3.63 -7.41 -17.62
N PRO A 115 -2.51 -7.83 -18.25
CA PRO A 115 -2.27 -9.23 -18.62
C PRO A 115 -2.19 -10.18 -17.43
N GLU A 116 -2.86 -11.32 -17.55
CA GLU A 116 -2.80 -12.36 -16.52
C GLU A 116 -1.45 -13.07 -16.56
N GLY A 117 -1.04 -13.61 -15.42
CA GLY A 117 0.19 -14.38 -15.34
C GLY A 117 1.43 -13.57 -15.66
N CYS A 118 1.62 -12.48 -14.93
CA CYS A 118 2.83 -11.67 -15.07
C CYS A 118 3.85 -12.05 -14.00
N PRO A 119 5.15 -12.03 -14.36
CA PRO A 119 6.21 -12.26 -13.40
C PRO A 119 6.74 -10.95 -12.80
N LYS B 3 -5.56 -14.31 0.50
CA LYS B 3 -6.32 -14.28 1.73
C LYS B 3 -5.43 -14.41 2.96
N CYS B 4 -4.38 -15.23 2.87
CA CYS B 4 -3.38 -15.31 3.93
C CYS B 4 -2.33 -14.23 3.69
N LYS B 5 -2.56 -13.41 2.66
CA LYS B 5 -1.56 -12.49 2.16
C LYS B 5 -2.25 -11.49 1.22
N LYS B 6 -1.75 -10.26 1.20
CA LYS B 6 -2.41 -9.18 0.48
C LYS B 6 -1.53 -8.61 -0.63
N THR B 7 -2.11 -8.45 -1.81
CA THR B 7 -1.35 -7.92 -2.94
C THR B 7 -1.16 -6.41 -2.81
N THR B 8 0.08 -5.96 -2.94
CA THR B 8 0.42 -4.55 -2.76
C THR B 8 1.50 -4.10 -3.72
N THR B 9 1.99 -2.89 -3.51
CA THR B 9 3.22 -2.44 -4.17
C THR B 9 4.26 -2.18 -3.09
N CYS B 10 5.47 -2.67 -3.31
CA CYS B 10 6.52 -2.55 -2.31
C CYS B 10 7.27 -1.24 -2.44
N GLU B 11 7.70 -0.71 -1.31
CA GLU B 11 8.53 0.49 -1.30
C GLU B 11 9.73 0.28 -0.38
N PRO B 12 10.86 0.93 -0.71
CA PRO B 12 12.04 0.81 0.15
C PRO B 12 11.78 1.41 1.52
N LEU B 13 12.18 0.70 2.57
CA LEU B 13 12.01 1.21 3.93
C LEU B 13 12.70 2.55 4.09
N LYS B 14 11.99 3.50 4.71
CA LYS B 14 12.59 4.80 5.01
C LYS B 14 13.50 4.67 6.22
N TYR B 15 13.06 3.89 7.19
CA TYR B 15 13.80 3.68 8.43
C TYR B 15 14.02 2.19 8.66
N ASN B 16 15.23 1.83 9.07
CA ASN B 16 15.62 0.43 9.23
C ASN B 16 15.08 -0.22 10.51
N ILE B 17 14.63 0.61 11.44
CA ILE B 17 14.23 0.12 12.76
C ILE B 17 12.74 0.25 13.04
N CYS B 18 12.16 -0.79 13.65
CA CYS B 18 10.78 -0.77 14.09
C CYS B 18 10.69 -0.84 15.62
N LEU B 19 10.54 0.33 16.25
CA LEU B 19 10.38 0.43 17.70
C LEU B 19 11.53 -0.24 18.47
N GLY B 20 12.74 -0.12 17.96
CA GLY B 20 13.91 -0.65 18.65
C GLY B 20 14.40 -1.98 18.10
N SER B 21 13.72 -2.49 17.08
CA SER B 21 14.10 -3.76 16.47
C SER B 21 14.58 -3.57 15.04
N VAL B 22 15.74 -4.15 14.73
CA VAL B 22 16.28 -4.10 13.38
C VAL B 22 15.49 -5.05 12.48
N LEU B 23 15.15 -4.58 11.29
CA LEU B 23 14.36 -5.38 10.35
C LEU B 23 15.25 -6.09 9.33
N PRO B 24 15.07 -7.41 9.20
CA PRO B 24 15.87 -8.24 8.28
C PRO B 24 15.37 -8.20 6.84
N TYR B 25 14.76 -7.10 6.43
CA TYR B 25 14.29 -6.95 5.06
C TYR B 25 14.44 -5.51 4.57
N ALA B 26 14.12 -5.27 3.30
CA ALA B 26 14.38 -3.98 2.68
C ALA B 26 13.11 -3.29 2.17
N LEU B 27 12.07 -4.07 1.90
CA LEU B 27 10.84 -3.52 1.35
C LEU B 27 9.67 -3.70 2.32
N THR B 28 8.78 -2.70 2.33
CA THR B 28 7.62 -2.71 3.23
C THR B 28 6.38 -2.13 2.57
N SER B 29 5.27 -2.10 3.30
CA SER B 29 4.04 -1.48 2.81
C SER B 29 3.20 -0.94 3.97
N THR B 30 2.46 0.13 3.69
CA THR B 30 1.64 0.79 4.70
C THR B 30 0.18 0.35 4.62
N VAL B 31 -0.06 -0.72 3.87
CA VAL B 31 -1.42 -1.16 3.56
C VAL B 31 -2.17 -1.72 4.78
N LEU B 32 -1.46 -2.40 5.67
CA LEU B 32 -2.09 -3.01 6.83
C LEU B 32 -2.38 -1.94 7.88
N ALA B 33 -1.56 -0.90 7.88
CA ALA B 33 -1.78 0.25 8.74
C ALA B 33 -2.83 1.16 8.13
N GLU B 34 -4.10 0.83 8.36
CA GLU B 34 -5.20 1.54 7.72
C GLU B 34 -5.37 2.98 8.22
N ASP B 35 -4.49 3.39 9.14
CA ASP B 35 -4.47 4.76 9.63
C ASP B 35 -3.31 5.53 8.99
N SER B 36 -2.53 4.83 8.16
CA SER B 36 -1.33 5.42 7.56
C SER B 36 -1.29 5.22 6.05
N SER B 37 -1.02 6.31 5.33
CA SER B 37 -1.03 6.28 3.87
C SER B 37 0.35 6.60 3.30
N SER B 38 1.35 6.67 4.17
CA SER B 38 2.75 6.86 3.78
C SER B 38 3.63 6.41 4.93
N GLN B 39 4.91 6.16 4.65
CA GLN B 39 5.83 5.74 5.70
C GLN B 39 6.02 6.84 6.74
N ASP B 40 5.95 8.09 6.30
CA ASP B 40 6.02 9.23 7.20
C ASP B 40 4.85 9.21 8.18
N GLU B 41 3.68 8.85 7.68
CA GLU B 41 2.50 8.73 8.52
C GLU B 41 2.62 7.53 9.47
N VAL B 42 3.28 6.48 8.99
CA VAL B 42 3.53 5.29 9.82
C VAL B 42 4.35 5.65 11.04
N HIS B 43 5.40 6.43 10.83
CA HIS B 43 6.32 6.80 11.92
C HIS B 43 5.69 7.82 12.85
N ASP B 44 4.71 8.58 12.34
CA ASP B 44 3.92 9.46 13.18
C ASP B 44 3.09 8.61 14.14
N LYS B 45 2.50 7.56 13.58
CA LYS B 45 1.61 6.67 14.33
C LYS B 45 2.37 5.83 15.35
N LEU B 46 3.60 5.47 15.02
CA LEU B 46 4.43 4.68 15.93
C LEU B 46 4.87 5.52 17.12
N SER B 47 5.09 6.81 16.90
CA SER B 47 5.44 7.73 17.97
C SER B 47 4.31 7.80 18.99
N LEU B 48 3.07 7.77 18.50
CA LEU B 48 1.90 7.82 19.36
C LEU B 48 1.78 6.54 20.17
N TRP B 49 2.06 5.41 19.53
CA TRP B 49 2.03 4.12 20.21
C TRP B 49 3.12 4.01 21.27
N SER B 50 4.16 4.82 21.12
CA SER B 50 5.28 4.82 22.07
C SER B 50 4.87 5.35 23.44
N GLY B 51 3.65 5.87 23.53
CA GLY B 51 3.10 6.28 24.81
C GLY B 51 2.77 5.09 25.68
N LEU B 52 2.82 3.89 25.09
CA LEU B 52 2.56 2.66 25.81
C LEU B 52 3.82 2.13 26.49
N ARG B 53 4.91 2.87 26.40
CA ARG B 53 6.15 2.47 27.07
C ARG B 53 6.03 2.68 28.57
N ASN B 54 5.00 3.41 28.98
CA ASN B 54 4.68 3.58 30.39
C ASN B 54 4.13 2.28 30.98
N ALA B 55 3.80 1.33 30.11
CA ALA B 55 3.27 0.04 30.56
C ALA B 55 4.02 -1.12 29.92
N PRO B 56 5.17 -1.49 30.50
CA PRO B 56 6.02 -2.59 30.00
C PRO B 56 5.23 -3.89 29.88
N ARG B 57 4.24 -4.02 30.76
CA ARG B 57 3.25 -5.09 30.71
C ARG B 57 2.68 -5.27 29.31
N CYS B 58 2.19 -4.17 28.76
CA CYS B 58 1.55 -4.15 27.46
C CYS B 58 2.57 -3.93 26.34
N TRP B 59 3.60 -3.17 26.63
CA TRP B 59 4.55 -2.73 25.62
C TRP B 59 5.32 -3.90 24.99
N ASP B 60 5.71 -4.88 25.80
CA ASP B 60 6.44 -6.03 25.30
C ASP B 60 5.57 -6.93 24.43
N ALA B 61 4.26 -6.92 24.70
CA ALA B 61 3.33 -7.78 23.99
C ALA B 61 2.87 -7.20 22.66
N ILE B 62 2.73 -5.87 22.62
CA ILE B 62 2.14 -5.21 21.46
C ILE B 62 3.16 -4.88 20.37
N ARG B 63 4.44 -4.82 20.75
CA ARG B 63 5.51 -4.45 19.83
C ARG B 63 5.66 -5.38 18.61
N PRO B 64 5.64 -6.71 18.81
CA PRO B 64 5.73 -7.55 17.60
C PRO B 64 4.50 -7.42 16.72
N LEU B 65 3.37 -7.04 17.31
CA LEU B 65 2.14 -6.82 16.57
C LEU B 65 2.20 -5.52 15.77
N LEU B 66 2.69 -4.46 16.42
CA LEU B 66 2.81 -3.15 15.77
C LEU B 66 3.74 -3.21 14.57
N CYS B 67 4.84 -3.94 14.71
CA CYS B 67 5.82 -4.08 13.64
C CYS B 67 5.29 -4.93 12.48
N ALA B 68 4.49 -5.94 12.81
CA ALA B 68 3.91 -6.79 11.79
C ALA B 68 2.84 -6.04 11.01
N VAL B 69 2.28 -5.01 11.63
CA VAL B 69 1.20 -4.24 11.01
C VAL B 69 1.73 -2.97 10.32
N TYR B 70 2.57 -2.23 11.02
CA TYR B 70 3.02 -0.93 10.53
C TYR B 70 4.22 -1.01 9.59
N MET B 71 5.14 -1.93 9.86
CA MET B 71 6.30 -2.10 9.00
C MET B 71 6.49 -3.56 8.60
N PRO B 72 5.55 -4.11 7.81
CA PRO B 72 5.58 -5.52 7.43
C PRO B 72 6.51 -5.81 6.25
N LYS B 73 6.77 -7.09 6.04
CA LYS B 73 7.63 -7.53 4.94
C LYS B 73 6.92 -7.43 3.60
N CYS B 74 7.44 -6.59 2.71
CA CYS B 74 6.95 -6.55 1.34
C CYS B 74 7.98 -7.21 0.43
N GLU B 75 7.49 -7.93 -0.58
CA GLU B 75 8.38 -8.75 -1.40
C GLU B 75 7.73 -9.16 -2.71
N GLY B 76 7.79 -8.26 -3.70
CA GLY B 76 7.25 -8.55 -5.02
C GLY B 76 5.75 -8.71 -5.05
N GLY B 77 5.04 -7.74 -4.48
CA GLY B 77 3.59 -7.75 -4.49
C GLY B 77 2.98 -8.45 -3.28
N LYS B 78 3.79 -8.64 -2.24
CA LYS B 78 3.39 -9.40 -1.08
C LYS B 78 3.41 -8.58 0.21
N VAL B 79 2.44 -8.81 1.08
CA VAL B 79 2.57 -8.49 2.50
C VAL B 79 1.97 -9.63 3.31
N GLU B 80 2.77 -10.20 4.20
CA GLU B 80 2.29 -11.27 5.06
C GLU B 80 1.41 -10.70 6.16
N LEU B 81 0.16 -11.16 6.20
CA LEU B 81 -0.75 -10.74 7.27
C LEU B 81 -0.38 -11.45 8.57
N PRO B 82 -0.34 -10.69 9.68
CA PRO B 82 -0.19 -11.26 11.02
C PRO B 82 -1.27 -12.30 11.35
N SER B 83 -0.97 -13.19 12.29
CA SER B 83 -1.91 -14.24 12.68
C SER B 83 -2.82 -13.81 13.83
N GLN B 84 -3.85 -14.62 14.09
CA GLN B 84 -4.68 -14.42 15.27
C GLN B 84 -3.83 -14.60 16.52
N GLY B 85 -2.98 -15.63 16.51
CA GLY B 85 -2.12 -15.96 17.64
C GLY B 85 -1.28 -14.79 18.12
N LEU B 86 -0.87 -13.92 17.20
CA LEU B 86 -0.10 -12.74 17.55
C LEU B 86 -0.98 -11.70 18.25
N CYS B 87 -2.19 -11.50 17.73
CA CYS B 87 -3.09 -10.48 18.25
C CYS B 87 -3.71 -10.86 19.59
N GLN B 88 -4.06 -12.14 19.77
CA GLN B 88 -4.71 -12.60 20.98
C GLN B 88 -3.82 -12.41 22.22
N THR B 89 -2.51 -12.47 22.03
CA THR B 89 -1.55 -12.32 23.12
C THR B 89 -1.44 -10.87 23.59
N THR B 90 -2.11 -9.97 22.87
CA THR B 90 -2.03 -8.54 23.16
C THR B 90 -3.28 -8.07 23.90
N ARG B 91 -4.39 -8.77 23.69
CA ARG B 91 -5.69 -8.36 24.21
C ARG B 91 -5.74 -8.13 25.72
N VAL B 92 -5.15 -9.04 26.49
CA VAL B 92 -5.20 -8.94 27.95
C VAL B 92 -4.18 -7.96 28.53
N PRO B 93 -2.89 -8.07 28.17
CA PRO B 93 -1.97 -7.11 28.79
C PRO B 93 -2.17 -5.69 28.28
N CYS B 94 -2.70 -5.56 27.07
CA CYS B 94 -2.99 -4.24 26.51
C CYS B 94 -4.49 -3.96 26.53
N ALA B 95 -5.16 -4.44 27.57
CA ALA B 95 -6.57 -4.13 27.78
C ALA B 95 -6.71 -2.64 28.10
N ILE B 96 -5.61 -2.04 28.54
CA ILE B 96 -5.52 -0.62 28.82
C ILE B 96 -5.89 0.21 27.58
N VAL B 97 -5.60 -0.34 26.41
CA VAL B 97 -5.90 0.33 25.15
C VAL B 97 -7.40 0.27 24.84
N ALA B 98 -8.00 -0.88 25.10
CA ALA B 98 -9.39 -1.13 24.74
C ALA B 98 -10.39 -0.26 25.49
N ARG B 99 -10.18 -0.09 26.78
CA ARG B 99 -11.16 0.58 27.63
C ARG B 99 -11.16 2.10 27.49
N GLU B 100 -9.98 2.70 27.38
CA GLU B 100 -9.84 4.15 27.46
C GLU B 100 -9.80 4.79 26.07
N ARG B 101 -9.69 3.97 25.03
CA ARG B 101 -9.75 4.49 23.68
C ARG B 101 -10.23 3.43 22.68
N GLY B 102 -9.82 2.19 22.89
CA GLY B 102 -10.25 1.11 22.03
C GLY B 102 -9.33 0.89 20.85
N TRP B 103 -9.21 -0.37 20.43
CA TRP B 103 -8.38 -0.73 19.29
C TRP B 103 -8.97 -0.20 17.99
N PRO B 104 -8.10 0.28 17.09
CA PRO B 104 -8.54 0.58 15.73
C PRO B 104 -9.01 -0.69 15.05
N ASP B 105 -9.89 -0.57 14.05
CA ASP B 105 -10.47 -1.75 13.41
C ASP B 105 -9.41 -2.66 12.80
N PHE B 106 -8.33 -2.08 12.30
CA PHE B 106 -7.26 -2.86 11.68
C PHE B 106 -6.34 -3.48 12.74
N LEU B 107 -6.68 -3.29 14.02
CA LEU B 107 -5.93 -3.88 15.11
C LEU B 107 -6.84 -4.67 16.04
N LYS B 108 -8.10 -4.78 15.66
CA LYS B 108 -9.03 -5.68 16.34
C LYS B 108 -8.83 -7.09 15.78
N CYS B 109 -9.00 -8.09 16.63
CA CYS B 109 -8.69 -9.47 16.25
C CYS B 109 -9.75 -10.11 15.35
N THR B 110 -10.09 -9.44 14.26
CA THR B 110 -10.99 -10.02 13.26
C THR B 110 -10.17 -10.89 12.31
N THR B 111 -10.85 -11.77 11.58
CA THR B 111 -10.14 -12.72 10.72
C THR B 111 -9.98 -12.21 9.29
N ASP B 112 -10.34 -10.95 9.06
CA ASP B 112 -10.06 -10.32 7.78
C ASP B 112 -8.73 -9.57 7.88
N TYR B 113 -8.48 -9.01 9.05
CA TYR B 113 -7.20 -8.38 9.34
C TYR B 113 -6.25 -9.42 9.90
N PHE B 114 -6.80 -10.41 10.61
CA PHE B 114 -5.96 -11.44 11.21
C PHE B 114 -6.52 -12.81 10.93
N PRO B 115 -6.33 -13.29 9.70
CA PRO B 115 -6.87 -14.56 9.21
C PRO B 115 -6.04 -15.76 9.65
O01 CY8 C . -15.68 11.75 -8.29
O02 CY8 C . -8.68 11.26 -15.74
N03 CY8 C . -16.94 12.17 -4.96
C04 CY8 C . -11.79 10.23 -11.10
C05 CY8 C . -13.12 9.57 -11.35
C06 CY8 C . -13.66 9.23 -9.97
C07 CY8 C . -11.32 10.98 -12.34
C08 CY8 C . -15.05 10.59 -7.72
C09 CY8 C . -13.09 10.35 -9.17
C10 CY8 C . -11.93 11.07 -9.84
C11 CY8 C . -15.18 9.26 -9.85
C12 CY8 C . -15.33 10.64 -6.21
C13 CY8 C . -15.59 9.34 -8.38
C14 CY8 C . -13.55 10.69 -7.98
C15 CY8 C . -12.90 8.40 -12.29
C16 CY8 C . -15.92 12.02 -6.01
C17 CY8 C . -11.45 10.05 -13.54
C18 CY8 C . -16.60 12.27 -7.32
C19 CY8 C . -9.85 11.39 -12.17
C20 CY8 C . -12.21 8.94 -13.53
C21 CY8 C . -12.17 12.20 -12.57
C22 CY8 C . -10.74 10.40 -14.82
C23 CY8 C . -9.28 11.90 -13.48
C24 CY8 C . -16.88 13.77 -7.41
C25 CY8 C . -9.30 10.80 -14.54
C26 CY8 C . -16.27 9.54 -5.73
C27 CY8 C . -12.60 11.15 -6.92
C28 CY8 C . -17.80 14.14 -6.25
C29 CY8 C . -17.28 13.61 -4.90
C30 CY8 C . -17.99 15.65 -6.18
O01 CY8 D . -3.27 6.81 25.21
O02 CY8 D . -3.57 5.66 15.04
N03 CY8 D . -1.83 6.92 28.49
C04 CY8 D . -2.96 4.75 20.61
C05 CY8 D . -4.25 4.55 21.37
C06 CY8 D . -3.84 4.16 22.78
C07 CY8 D . -3.20 5.52 19.32
C08 CY8 D . -2.87 5.43 25.28
C09 CY8 D . -2.55 4.91 22.90
C10 CY8 D . -1.96 5.37 21.59
C11 CY8 D . -4.79 4.62 23.87
C12 CY8 D . -2.07 5.27 26.58
C13 CY8 D . -4.10 4.53 25.22
C14 CY8 D . -1.99 5.14 24.08
C15 CY8 D . -5.09 3.54 20.61
C16 CY8 D . -1.86 6.69 27.04
C17 CY8 D . -4.39 4.91 18.61
C18 CY8 D . -3.09 7.38 26.51
C19 CY8 D . -1.98 5.44 18.43
C20 CY8 D . -5.26 4.06 19.20
C21 CY8 D . -3.51 6.98 19.63
C22 CY8 D . -4.64 5.27 17.16
C23 CY8 D . -2.27 5.98 17.04
C24 CY8 D . -2.82 8.88 26.55
C25 CY8 D . -3.35 5.17 16.35
C26 CY8 D . -2.79 4.42 27.62
C27 CY8 D . -0.48 5.11 24.19
C28 CY8 D . -2.55 9.28 28.00
C29 CY8 D . -1.52 8.36 28.67
C30 CY8 D . -2.09 10.73 28.07
#